data_6S7F
#
_entry.id   6S7F
#
_cell.length_a   53.910
_cell.length_b   95.660
_cell.length_c   233.220
_cell.angle_alpha   90.000
_cell.angle_beta   90.000
_cell.angle_gamma   90.000
#
_symmetry.space_group_name_H-M   'C 2 2 21'
#
loop_
_entity.id
_entity.type
_entity.pdbx_description
1 polymer "5'-nucleotidase"
2 non-polymer 'ZINC ION'
3 non-polymer 'CALCIUM ION'
4 non-polymer N6-benzyl-(alpha,beta)-methylene-ADP
5 water water
#
_entity_poly.entity_id   1
_entity_poly.type   'polypeptide(L)'
_entity_poly.pdbx_seq_one_letter_code
;MWELTILHTNDVHSRLEQTSEDSSKCVDASRCMGGVARLFTKVQQIRRAEPNVLLLDAGDQYQGTIWFTVYKGAEVAHFM
NALRYDAMALGNHEFDNGVEGLIEPLLKEAKFPILSANIKAKGPLASQISGLYLPYKVLPVGDEVVGIVGYTSKETPFLS
NPGTNLVFEDEITALQPEVDKLKTLNVNKIIALGHSGFEMDKLIAQKVRGVDVVVGGHSNTFLYTGNPPSKEVPAGKYPF
IVTSDDGRKVPVVQAYAFGKYLGYLKIEFDERGNVISSHGNPILLDSSIPEDPSIKADINKWRIKLDDYSTQELGKTIVY
LDGSSQSCRFRECNMGNLICDAMINNNLRHTDEMFWNHVSMCILNGGGIRSPIDERNDGTITWENLAAVLPFGGTFDLVQ
LKGSTLKKAFEHSVHRYGQSTGEFLQVGGIHVVYDLSRKPGDRVVKLDVLCTKCRVPSYDPLKMDEVYKVILPNFLANGG
DGFQMIKDELLRHDSGDQDINVVSTYISKMKVIYPAVEGRIKFSLEHHHHHH
;
_entity_poly.pdbx_strand_id   A
#
# COMPACT_ATOMS: atom_id res chain seq x y z
N MET A 1 33.82 10.56 14.31
CA MET A 1 33.01 10.77 13.11
C MET A 1 32.73 9.42 12.42
N TRP A 2 31.49 8.95 12.48
CA TRP A 2 31.10 7.64 11.97
C TRP A 2 29.92 7.80 11.03
N GLU A 3 30.10 7.40 9.75
CA GLU A 3 29.05 7.54 8.74
C GLU A 3 28.32 6.23 8.54
N LEU A 4 26.99 6.27 8.54
CA LEU A 4 26.11 5.13 8.31
C LEU A 4 25.37 5.39 7.03
N THR A 5 25.28 4.40 6.12
CA THR A 5 24.44 4.51 4.93
C THR A 5 23.21 3.63 5.15
N ILE A 6 22.00 4.23 5.17
CA ILE A 6 20.75 3.49 5.30
C ILE A 6 20.13 3.32 3.93
N LEU A 7 19.93 2.06 3.52
CA LEU A 7 19.24 1.71 2.28
C LEU A 7 17.87 1.23 2.74
N HIS A 8 16.80 1.76 2.17
CA HIS A 8 15.45 1.38 2.63
C HIS A 8 14.43 1.25 1.52
N THR A 9 13.52 0.31 1.72
CA THR A 9 12.39 0.01 0.85
C THR A 9 11.14 0.02 1.70
N ASN A 10 10.01 0.19 1.08
CA ASN A 10 8.73 0.12 1.76
C ASN A 10 7.61 -0.11 0.76
N ASP A 11 6.56 -0.81 1.18
CA ASP A 11 5.38 -1.05 0.35
C ASP A 11 5.71 -1.64 -1.03
N VAL A 12 6.61 -2.62 -1.05
CA VAL A 12 7.08 -3.28 -2.26
C VAL A 12 5.94 -4.07 -2.90
N HIS A 13 5.01 -4.59 -2.08
CA HIS A 13 3.77 -5.20 -2.53
C HIS A 13 3.97 -6.23 -3.69
N SER A 14 4.81 -7.22 -3.43
CA SER A 14 5.05 -8.34 -4.33
C SER A 14 5.60 -7.97 -5.70
N ARG A 15 6.30 -6.82 -5.85
CA ARG A 15 6.92 -6.50 -7.15
C ARG A 15 8.33 -7.15 -7.18
N LEU A 16 8.31 -8.48 -7.26
CA LEU A 16 9.54 -9.27 -7.27
C LEU A 16 10.25 -9.06 -8.60
N GLU A 17 9.47 -8.99 -9.68
CA GLU A 17 10.01 -8.71 -10.99
C GLU A 17 10.00 -7.25 -11.26
N GLN A 18 10.80 -6.86 -12.24
CA GLN A 18 10.83 -5.48 -12.71
C GLN A 18 9.46 -5.18 -13.29
N THR A 19 9.07 -3.94 -13.26
CA THR A 19 7.73 -3.53 -13.72
C THR A 19 7.80 -2.37 -14.66
N SER A 20 6.66 -2.03 -15.26
CA SER A 20 6.54 -0.84 -16.09
C SER A 20 6.70 0.39 -15.15
N GLU A 21 6.83 1.61 -15.72
CA GLU A 21 6.99 2.84 -14.93
C GLU A 21 5.86 3.04 -13.89
N ASP A 22 4.63 2.61 -14.23
CA ASP A 22 3.46 2.75 -13.35
C ASP A 22 3.29 1.56 -12.37
N SER A 23 4.31 0.67 -12.26
CA SER A 23 4.32 -0.50 -11.38
C SER A 23 3.48 -1.69 -11.88
N SER A 24 2.90 -1.60 -13.10
CA SER A 24 2.15 -2.68 -13.72
C SER A 24 3.18 -3.59 -14.41
N LYS A 25 2.73 -4.75 -14.90
CA LYS A 25 3.58 -5.75 -15.55
C LYS A 25 4.59 -5.16 -16.52
N CYS A 26 5.81 -5.70 -16.54
CA CYS A 26 6.80 -5.27 -17.50
C CYS A 26 6.45 -5.87 -18.83
N VAL A 27 6.35 -5.03 -19.87
CA VAL A 27 6.13 -5.46 -21.25
C VAL A 27 7.41 -5.11 -22.03
N ASP A 28 7.72 -3.79 -22.12
CA ASP A 28 8.91 -3.27 -22.81
C ASP A 28 10.09 -3.24 -21.82
N ALA A 29 10.83 -4.37 -21.78
CA ALA A 29 11.99 -4.57 -20.87
C ALA A 29 13.04 -3.46 -20.90
N SER A 30 13.31 -2.84 -22.05
CA SER A 30 14.29 -1.75 -22.19
C SER A 30 13.98 -0.50 -21.36
N ARG A 31 12.72 -0.31 -20.91
CA ARG A 31 12.29 0.83 -20.09
C ARG A 31 11.66 0.38 -18.75
N CYS A 32 11.86 -0.88 -18.34
CA CYS A 32 11.29 -1.33 -17.07
C CYS A 32 12.17 -0.92 -15.87
N MET A 33 11.61 -1.04 -14.68
CA MET A 33 12.19 -0.53 -13.45
C MET A 33 11.93 -1.46 -12.31
N GLY A 34 12.60 -1.21 -11.21
CA GLY A 34 12.47 -1.97 -9.97
C GLY A 34 12.84 -3.44 -10.10
N GLY A 35 12.19 -4.25 -9.27
CA GLY A 35 12.43 -5.68 -9.19
C GLY A 35 13.59 -5.96 -8.25
N VAL A 36 13.61 -7.17 -7.67
CA VAL A 36 14.63 -7.51 -6.68
C VAL A 36 16.03 -7.78 -7.31
N ALA A 37 16.11 -8.18 -8.59
CA ALA A 37 17.44 -8.40 -9.21
C ALA A 37 18.15 -7.06 -9.47
N ARG A 38 17.40 -6.02 -9.86
CA ARG A 38 17.95 -4.69 -10.09
C ARG A 38 18.30 -4.05 -8.75
N LEU A 39 17.39 -4.17 -7.76
CA LEU A 39 17.65 -3.68 -6.40
C LEU A 39 18.94 -4.33 -5.86
N PHE A 40 19.14 -5.63 -6.10
CA PHE A 40 20.38 -6.29 -5.65
C PHE A 40 21.65 -5.60 -6.19
N THR A 41 21.69 -5.28 -7.50
CA THR A 41 22.81 -4.61 -8.18
C THR A 41 23.17 -3.28 -7.50
N LYS A 42 22.17 -2.40 -7.18
CA LYS A 42 22.48 -1.12 -6.52
C LYS A 42 22.94 -1.34 -5.11
N VAL A 43 22.29 -2.24 -4.37
CA VAL A 43 22.66 -2.53 -2.99
C VAL A 43 24.08 -3.03 -2.94
N GLN A 44 24.44 -3.92 -3.88
CA GLN A 44 25.80 -4.44 -4.01
C GLN A 44 26.80 -3.31 -4.20
N GLN A 45 26.54 -2.47 -5.20
CA GLN A 45 27.37 -1.32 -5.55
C GLN A 45 27.56 -0.37 -4.36
N ILE A 46 26.56 -0.23 -3.50
CA ILE A 46 26.70 0.65 -2.33
C ILE A 46 27.52 -0.04 -1.22
N ARG A 47 27.28 -1.36 -0.99
CA ARG A 47 28.04 -2.16 0.01
C ARG A 47 29.55 -2.24 -0.29
N ARG A 48 29.89 -2.17 -1.58
CA ARG A 48 31.25 -2.16 -2.07
C ARG A 48 31.94 -0.85 -1.70
N ALA A 49 31.20 0.25 -1.78
CA ALA A 49 31.67 1.60 -1.62
C ALA A 49 31.70 2.06 -0.22
N GLU A 50 30.67 1.71 0.54
CA GLU A 50 30.47 2.18 1.90
C GLU A 50 30.72 1.08 2.92
N PRO A 51 31.50 1.35 3.97
CA PRO A 51 31.77 0.29 4.95
C PRO A 51 30.62 0.06 5.94
N ASN A 52 29.79 1.06 6.26
CA ASN A 52 28.70 0.92 7.23
C ASN A 52 27.35 1.08 6.59
N VAL A 53 26.74 -0.05 6.19
CA VAL A 53 25.47 -0.09 5.48
C VAL A 53 24.44 -0.91 6.19
N LEU A 54 23.19 -0.43 6.21
CA LEU A 54 22.01 -1.15 6.67
C LEU A 54 20.96 -1.12 5.57
N LEU A 55 20.46 -2.30 5.19
CA LEU A 55 19.39 -2.46 4.22
C LEU A 55 18.12 -2.80 5.02
N LEU A 56 17.14 -1.86 5.05
CA LEU A 56 15.93 -1.98 5.86
C LEU A 56 14.71 -1.99 5.01
N ASP A 57 13.65 -2.64 5.49
CA ASP A 57 12.33 -2.66 4.84
C ASP A 57 11.30 -2.17 5.85
N ALA A 58 10.46 -1.17 5.47
CA ALA A 58 9.45 -0.63 6.40
C ALA A 58 8.05 -1.21 6.22
N GLY A 59 7.95 -2.48 5.83
CA GLY A 59 6.71 -3.22 5.75
C GLY A 59 6.00 -3.20 4.42
N ASP A 60 4.93 -3.97 4.37
CA ASP A 60 4.04 -4.16 3.23
C ASP A 60 4.77 -4.78 2.02
N GLN A 61 5.53 -5.85 2.28
CA GLN A 61 6.14 -6.68 1.23
C GLN A 61 4.98 -7.55 0.69
N TYR A 62 4.15 -8.06 1.62
CA TYR A 62 2.96 -8.89 1.33
C TYR A 62 1.91 -8.15 0.47
N GLN A 63 1.22 -8.90 -0.41
CA GLN A 63 0.07 -8.49 -1.22
C GLN A 63 0.36 -7.53 -2.39
N GLY A 64 0.01 -7.93 -3.62
CA GLY A 64 0.16 -7.05 -4.79
C GLY A 64 0.20 -7.69 -6.18
N THR A 65 0.78 -8.90 -6.32
CA THR A 65 0.89 -9.57 -7.62
C THR A 65 0.66 -11.06 -7.44
N ILE A 66 0.58 -11.79 -8.58
CA ILE A 66 0.37 -13.22 -8.62
C ILE A 66 1.43 -13.96 -7.80
N TRP A 67 2.64 -13.37 -7.63
CA TRP A 67 3.70 -13.92 -6.78
C TRP A 67 3.20 -14.25 -5.36
N PHE A 68 2.44 -13.35 -4.75
CA PHE A 68 1.93 -13.54 -3.39
C PHE A 68 0.72 -14.42 -3.36
N THR A 69 -0.16 -14.28 -4.34
CA THR A 69 -1.35 -15.13 -4.47
C THR A 69 -0.94 -16.64 -4.47
N VAL A 70 0.23 -16.95 -5.07
CA VAL A 70 0.77 -18.29 -5.21
C VAL A 70 1.77 -18.69 -4.09
N TYR A 71 2.82 -17.87 -3.82
CA TYR A 71 3.84 -18.21 -2.82
C TYR A 71 3.47 -17.79 -1.38
N LYS A 72 2.46 -16.92 -1.21
CA LYS A 72 1.88 -16.51 0.07
C LYS A 72 2.88 -16.08 1.14
N GLY A 73 3.99 -15.46 0.72
CA GLY A 73 5.03 -14.98 1.62
C GLY A 73 6.36 -15.70 1.54
N ALA A 74 6.36 -16.95 1.05
CA ALA A 74 7.60 -17.74 0.87
C ALA A 74 8.60 -17.03 -0.06
N GLU A 75 8.08 -16.28 -1.03
CA GLU A 75 8.91 -15.54 -1.98
C GLU A 75 9.55 -14.32 -1.31
N VAL A 76 8.81 -13.69 -0.38
CA VAL A 76 9.31 -12.53 0.36
C VAL A 76 10.50 -12.97 1.19
N ALA A 77 10.38 -14.04 1.97
CA ALA A 77 11.48 -14.57 2.78
C ALA A 77 12.70 -14.88 1.90
N HIS A 78 12.51 -15.66 0.84
CA HIS A 78 13.58 -16.11 -0.05
C HIS A 78 14.36 -14.99 -0.72
N PHE A 79 13.65 -14.03 -1.33
CA PHE A 79 14.32 -12.96 -2.06
C PHE A 79 14.82 -11.85 -1.10
N MET A 80 14.17 -11.65 0.08
CA MET A 80 14.71 -10.71 1.09
C MET A 80 15.96 -11.30 1.72
N ASN A 81 16.00 -12.62 1.88
CA ASN A 81 17.16 -13.31 2.41
C ASN A 81 18.31 -13.24 1.42
N ALA A 82 18.00 -13.37 0.12
CA ALA A 82 18.98 -13.30 -0.96
C ALA A 82 19.54 -11.88 -1.09
N LEU A 83 18.72 -10.87 -0.82
CA LEU A 83 19.18 -9.47 -0.85
C LEU A 83 19.90 -9.10 0.43
N ARG A 84 19.80 -9.95 1.46
CA ARG A 84 20.49 -9.81 2.76
C ARG A 84 20.05 -8.55 3.50
N TYR A 85 18.74 -8.45 3.70
CA TYR A 85 18.14 -7.35 4.45
C TYR A 85 18.64 -7.43 5.87
N ASP A 86 18.88 -6.30 6.49
CA ASP A 86 19.36 -6.28 7.86
C ASP A 86 18.21 -6.36 8.82
N ALA A 87 17.04 -5.86 8.44
CA ALA A 87 15.87 -5.86 9.31
C ALA A 87 14.65 -5.40 8.54
N MET A 88 13.47 -5.80 9.02
CA MET A 88 12.20 -5.44 8.41
C MET A 88 11.24 -5.15 9.54
N ALA A 89 10.37 -4.16 9.36
CA ALA A 89 9.30 -3.90 10.32
C ALA A 89 8.03 -4.48 9.73
N LEU A 90 7.14 -4.99 10.60
CA LEU A 90 5.85 -5.55 10.17
C LEU A 90 4.92 -4.45 9.70
N GLY A 91 4.32 -4.68 8.54
CA GLY A 91 3.31 -3.79 7.97
C GLY A 91 1.94 -4.41 8.13
N ASN A 92 0.88 -3.69 7.74
CA ASN A 92 -0.47 -4.20 7.92
C ASN A 92 -0.78 -5.36 6.98
N HIS A 93 -0.28 -5.33 5.72
CA HIS A 93 -0.54 -6.42 4.77
C HIS A 93 0.23 -7.71 5.11
N GLU A 94 1.18 -7.68 6.07
CA GLU A 94 1.84 -8.91 6.53
C GLU A 94 0.86 -9.83 7.26
N PHE A 95 -0.31 -9.30 7.73
CA PHE A 95 -1.37 -10.05 8.43
C PHE A 95 -2.58 -10.39 7.53
N ASP A 96 -2.51 -10.18 6.19
CA ASP A 96 -3.66 -10.44 5.31
C ASP A 96 -4.13 -11.90 5.29
N ASN A 97 -3.20 -12.84 5.50
CA ASN A 97 -3.51 -14.28 5.55
C ASN A 97 -3.47 -14.75 7.00
N GLY A 98 -3.86 -13.87 7.92
CA GLY A 98 -3.87 -14.14 9.34
C GLY A 98 -2.48 -14.16 9.92
N VAL A 99 -2.39 -14.57 11.19
CA VAL A 99 -1.11 -14.68 11.87
C VAL A 99 -0.39 -15.93 11.42
N GLU A 100 -1.12 -17.01 11.06
CA GLU A 100 -0.45 -18.22 10.58
C GLU A 100 0.17 -17.99 9.17
N GLY A 101 -0.44 -17.12 8.37
CA GLY A 101 0.11 -16.74 7.07
C GLY A 101 1.32 -15.82 7.16
N LEU A 102 1.56 -15.23 8.33
CA LEU A 102 2.74 -14.41 8.65
C LEU A 102 3.79 -15.32 9.21
N ILE A 103 3.43 -16.11 10.22
CA ILE A 103 4.33 -17.00 10.93
C ILE A 103 5.04 -17.99 10.02
N GLU A 104 4.28 -18.86 9.38
CA GLU A 104 4.90 -19.97 8.64
C GLU A 104 5.70 -19.55 7.42
N PRO A 105 5.16 -18.74 6.49
CA PRO A 105 5.98 -18.36 5.33
C PRO A 105 7.13 -17.39 5.64
N LEU A 106 6.87 -16.30 6.33
CA LEU A 106 7.88 -15.26 6.57
C LEU A 106 8.68 -15.40 7.90
N LEU A 107 8.03 -15.25 9.06
CA LEU A 107 8.69 -15.28 10.38
C LEU A 107 9.59 -16.47 10.64
N LYS A 108 9.10 -17.69 10.43
CA LYS A 108 9.91 -18.89 10.66
C LYS A 108 11.02 -19.10 9.61
N GLU A 109 10.99 -18.37 8.45
CA GLU A 109 11.98 -18.53 7.38
C GLU A 109 12.92 -17.34 7.13
N ALA A 110 12.67 -16.16 7.72
CA ALA A 110 13.55 -15.00 7.52
C ALA A 110 14.86 -15.19 8.30
N LYS A 111 15.99 -14.77 7.70
CA LYS A 111 17.33 -14.83 8.32
C LYS A 111 17.68 -13.45 8.85
N PHE A 112 16.68 -12.55 8.94
CA PHE A 112 16.88 -11.21 9.49
C PHE A 112 15.79 -10.95 10.51
N PRO A 113 16.06 -10.08 11.49
CA PRO A 113 15.04 -9.75 12.49
C PRO A 113 13.85 -9.01 11.88
N ILE A 114 12.63 -9.44 12.25
CA ILE A 114 11.38 -8.82 11.82
C ILE A 114 10.88 -8.16 13.09
N LEU A 115 10.53 -6.86 13.02
CA LEU A 115 10.29 -6.01 14.19
C LEU A 115 8.98 -5.29 14.35
N SER A 116 8.45 -5.27 15.60
CA SER A 116 7.29 -4.46 15.97
C SER A 116 7.20 -4.34 17.48
N ALA A 117 7.39 -3.11 18.01
CA ALA A 117 7.42 -2.86 19.47
C ALA A 117 6.02 -2.62 20.04
N ASN A 118 5.06 -2.20 19.20
CA ASN A 118 3.70 -1.92 19.64
C ASN A 118 2.73 -3.08 19.36
N ILE A 119 3.22 -4.30 19.09
CA ILE A 119 2.38 -5.47 18.89
C ILE A 119 2.58 -6.36 20.08
N LYS A 120 1.55 -6.59 20.89
CA LYS A 120 1.63 -7.48 22.05
C LYS A 120 0.68 -8.63 21.83
N ALA A 121 1.14 -9.85 22.07
CA ALA A 121 0.31 -11.04 21.83
C ALA A 121 -0.22 -11.61 23.17
N LYS A 122 -1.53 -11.98 23.19
CA LYS A 122 -2.20 -12.52 24.38
CA LYS A 122 -2.19 -12.51 24.37
C LYS A 122 -2.90 -13.84 24.05
N GLY A 123 -3.43 -14.50 25.08
CA GLY A 123 -4.15 -15.76 24.92
C GLY A 123 -3.28 -16.92 24.45
N PRO A 124 -3.83 -17.86 23.64
CA PRO A 124 -2.99 -18.99 23.18
C PRO A 124 -1.85 -18.58 22.24
N LEU A 125 -2.08 -17.56 21.38
CA LEU A 125 -1.07 -17.04 20.44
C LEU A 125 0.21 -16.58 21.11
N ALA A 126 0.10 -15.97 22.30
CA ALA A 126 1.25 -15.46 23.07
C ALA A 126 2.44 -16.44 23.12
N SER A 127 2.17 -17.75 23.30
CA SER A 127 3.21 -18.78 23.36
C SER A 127 3.81 -19.06 21.97
N GLN A 128 2.95 -19.24 20.95
CA GLN A 128 3.36 -19.54 19.57
C GLN A 128 4.33 -18.49 18.99
N ILE A 129 3.85 -17.25 18.91
CA ILE A 129 4.53 -16.09 18.31
C ILE A 129 5.75 -15.58 19.09
N SER A 130 5.94 -15.96 20.35
CA SER A 130 7.08 -15.47 21.12
C SER A 130 8.42 -15.67 20.41
N GLY A 131 9.15 -14.56 20.22
CA GLY A 131 10.49 -14.55 19.63
C GLY A 131 10.60 -14.55 18.13
N LEU A 132 9.47 -14.76 17.41
CA LEU A 132 9.44 -14.81 15.94
C LEU A 132 9.55 -13.43 15.32
N TYR A 133 9.05 -12.43 16.06
CA TYR A 133 9.25 -11.01 15.80
C TYR A 133 9.84 -10.44 17.12
N LEU A 134 10.52 -9.28 17.07
CA LEU A 134 11.14 -8.67 18.23
C LEU A 134 10.76 -7.19 18.30
N PRO A 135 10.79 -6.57 19.49
CA PRO A 135 10.48 -5.12 19.55
C PRO A 135 11.59 -4.26 18.98
N TYR A 136 12.84 -4.75 19.10
CA TYR A 136 14.05 -4.11 18.60
C TYR A 136 15.12 -5.16 18.28
N LYS A 137 16.16 -4.74 17.58
CA LYS A 137 17.37 -5.55 17.41
C LYS A 137 18.57 -4.62 17.45
N VAL A 138 19.60 -5.02 18.18
CA VAL A 138 20.86 -4.27 18.25
C VAL A 138 21.75 -4.92 17.25
N LEU A 139 22.13 -4.17 16.22
CA LEU A 139 22.88 -4.66 15.08
C LEU A 139 24.31 -4.19 15.08
N PRO A 140 25.31 -5.10 15.01
CA PRO A 140 26.71 -4.65 14.85
C PRO A 140 26.92 -4.10 13.44
N VAL A 141 27.56 -2.94 13.38
CA VAL A 141 27.84 -2.27 12.11
C VAL A 141 29.26 -1.82 12.29
N GLY A 142 30.17 -2.50 11.62
CA GLY A 142 31.60 -2.21 11.76
C GLY A 142 32.03 -2.44 13.19
N ASP A 143 32.64 -1.41 13.80
CA ASP A 143 33.08 -1.43 15.19
C ASP A 143 32.01 -0.86 16.13
N GLU A 144 30.83 -0.46 15.59
CA GLU A 144 29.74 0.11 16.36
C GLU A 144 28.52 -0.81 16.40
N VAL A 145 27.49 -0.37 17.15
CA VAL A 145 26.17 -1.01 17.18
C VAL A 145 25.10 0.02 16.90
N VAL A 146 24.07 -0.39 16.15
CA VAL A 146 22.91 0.46 15.87
C VAL A 146 21.69 -0.30 16.34
N GLY A 147 20.83 0.37 17.08
CA GLY A 147 19.58 -0.19 17.57
C GLY A 147 18.48 0.14 16.60
N ILE A 148 17.61 -0.83 16.31
CA ILE A 148 16.47 -0.64 15.42
C ILE A 148 15.20 -1.02 16.20
N VAL A 149 14.26 -0.08 16.36
CA VAL A 149 13.01 -0.27 17.08
C VAL A 149 11.91 -0.25 16.00
N GLY A 150 11.10 -1.30 15.98
CA GLY A 150 9.99 -1.47 15.06
C GLY A 150 8.67 -0.90 15.53
N TYR A 151 7.78 -0.64 14.57
CA TYR A 151 6.40 -0.24 14.84
C TYR A 151 5.49 -0.48 13.63
N THR A 152 4.22 -0.80 13.92
CA THR A 152 3.20 -1.16 12.92
C THR A 152 1.94 -0.41 13.22
N SER A 153 1.28 0.15 12.18
CA SER A 153 0.02 0.90 12.32
C SER A 153 -0.90 0.40 13.44
N LYS A 154 -1.26 1.33 14.38
CA LYS A 154 -2.21 1.08 15.50
C LYS A 154 -3.55 0.57 14.95
N GLU A 155 -3.88 0.95 13.70
CA GLU A 155 -5.11 0.56 13.05
C GLU A 155 -5.00 -0.68 12.10
N THR A 156 -4.05 -1.60 12.36
CA THR A 156 -3.92 -2.85 11.58
C THR A 156 -5.16 -3.74 11.80
N PRO A 157 -5.79 -3.79 13.01
CA PRO A 157 -7.02 -4.58 13.17
C PRO A 157 -8.18 -4.23 12.20
N PHE A 158 -8.30 -2.95 11.86
CA PHE A 158 -9.31 -2.45 10.92
C PHE A 158 -8.89 -2.59 9.46
N LEU A 159 -7.58 -2.77 9.17
CA LEU A 159 -7.04 -2.87 7.81
C LEU A 159 -6.75 -4.28 7.31
N SER A 160 -6.43 -5.21 8.22
CA SER A 160 -6.06 -6.58 7.86
C SER A 160 -6.82 -7.62 8.72
N ASN A 161 -6.18 -8.79 8.96
CA ASN A 161 -6.73 -9.86 9.79
C ASN A 161 -5.68 -10.34 10.83
N PRO A 162 -5.19 -9.46 11.71
CA PRO A 162 -4.24 -9.93 12.75
C PRO A 162 -4.85 -10.84 13.83
N GLY A 163 -6.19 -10.90 13.90
CA GLY A 163 -6.89 -11.72 14.87
C GLY A 163 -7.09 -11.04 16.21
N THR A 164 -7.93 -11.65 17.07
CA THR A 164 -8.24 -11.11 18.40
C THR A 164 -7.10 -11.26 19.42
N ASN A 165 -6.14 -12.17 19.16
CA ASN A 165 -5.04 -12.43 20.09
C ASN A 165 -3.87 -11.43 20.04
N LEU A 166 -3.85 -10.50 19.07
CA LEU A 166 -2.80 -9.47 18.98
C LEU A 166 -3.38 -8.11 19.34
N VAL A 167 -2.62 -7.34 20.14
CA VAL A 167 -2.99 -5.99 20.60
C VAL A 167 -2.03 -5.00 19.96
N PHE A 168 -2.57 -3.97 19.29
CA PHE A 168 -1.78 -2.92 18.64
C PHE A 168 -1.89 -1.67 19.50
N GLU A 169 -0.83 -1.38 20.23
CA GLU A 169 -0.73 -0.23 21.12
C GLU A 169 -0.33 1.00 20.33
N ASP A 170 -0.54 2.18 20.92
CA ASP A 170 -0.11 3.45 20.35
C ASP A 170 1.40 3.35 20.15
N GLU A 171 1.87 3.77 18.98
CA GLU A 171 3.27 3.65 18.60
C GLU A 171 4.17 4.36 19.58
N ILE A 172 3.91 5.66 19.81
CA ILE A 172 4.74 6.48 20.70
C ILE A 172 4.81 5.90 22.12
N THR A 173 3.67 5.55 22.70
CA THR A 173 3.63 4.95 24.04
C THR A 173 4.48 3.66 24.16
N ALA A 174 4.46 2.79 23.12
CA ALA A 174 5.19 1.53 23.06
C ALA A 174 6.66 1.71 22.72
N LEU A 175 6.98 2.71 21.93
CA LEU A 175 8.37 2.89 21.48
C LEU A 175 9.23 3.49 22.53
N GLN A 176 8.74 4.50 23.26
CA GLN A 176 9.53 5.23 24.25
C GLN A 176 10.24 4.34 25.25
N PRO A 177 9.57 3.39 25.92
CA PRO A 177 10.28 2.54 26.89
C PRO A 177 11.29 1.58 26.25
N GLU A 178 11.15 1.23 24.95
CA GLU A 178 12.11 0.36 24.28
C GLU A 178 13.35 1.18 23.91
N VAL A 179 13.14 2.44 23.50
CA VAL A 179 14.22 3.38 23.16
C VAL A 179 15.04 3.69 24.40
N ASP A 180 14.36 3.89 25.54
CA ASP A 180 14.98 4.13 26.86
C ASP A 180 15.81 2.91 27.25
N LYS A 181 15.26 1.69 27.04
CA LYS A 181 15.97 0.43 27.34
C LYS A 181 17.26 0.38 26.53
N LEU A 182 17.18 0.62 25.23
CA LEU A 182 18.39 0.65 24.38
C LEU A 182 19.43 1.66 24.88
N LYS A 183 18.99 2.84 25.35
CA LYS A 183 19.91 3.86 25.87
C LYS A 183 20.60 3.38 27.13
N THR A 184 19.85 2.67 28.01
CA THR A 184 20.43 2.14 29.25
C THR A 184 21.49 1.06 28.96
N LEU A 185 21.39 0.41 27.76
CA LEU A 185 22.34 -0.59 27.29
C LEU A 185 23.45 0.06 26.44
N ASN A 186 23.59 1.41 26.53
CA ASN A 186 24.51 2.28 25.83
C ASN A 186 24.48 2.12 24.32
N VAL A 187 23.28 1.94 23.77
CA VAL A 187 23.10 1.94 22.33
C VAL A 187 22.76 3.40 22.08
N ASN A 188 23.73 4.15 21.53
CA ASN A 188 23.64 5.59 21.32
C ASN A 188 23.16 5.99 19.90
N LYS A 189 23.02 5.04 18.93
CA LYS A 189 22.51 5.33 17.58
C LYS A 189 21.24 4.47 17.38
N ILE A 190 20.06 5.13 17.26
CA ILE A 190 18.74 4.47 17.19
C ILE A 190 17.91 4.87 15.98
N ILE A 191 17.51 3.86 15.20
CA ILE A 191 16.65 4.01 14.02
C ILE A 191 15.26 3.49 14.38
N ALA A 192 14.22 4.29 14.13
CA ALA A 192 12.84 3.82 14.31
C ALA A 192 12.42 3.38 12.91
N LEU A 193 12.09 2.10 12.74
CA LEU A 193 11.72 1.52 11.46
C LEU A 193 10.32 1.01 11.60
N GLY A 194 9.38 1.59 10.88
CA GLY A 194 8.02 1.08 10.98
C GLY A 194 7.02 1.47 9.89
N HIS A 195 5.81 0.97 10.08
CA HIS A 195 4.76 1.02 9.10
C HIS A 195 3.46 1.66 9.59
N SER A 196 3.44 2.99 9.71
CA SER A 196 2.25 3.73 10.16
C SER A 196 1.90 4.99 9.36
N GLY A 197 2.67 5.33 8.37
CA GLY A 197 2.43 6.54 7.58
C GLY A 197 3.31 7.69 8.01
N PHE A 198 3.61 8.54 7.06
CA PHE A 198 4.45 9.73 7.18
C PHE A 198 4.04 10.65 8.31
N GLU A 199 2.73 10.82 8.51
CA GLU A 199 2.22 11.68 9.60
C GLU A 199 2.60 11.12 10.99
N MET A 200 2.47 9.80 11.20
CA MET A 200 2.89 9.16 12.45
C MET A 200 4.40 9.18 12.58
N ASP A 201 5.12 8.97 11.47
CA ASP A 201 6.59 8.99 11.38
C ASP A 201 7.13 10.31 11.91
N LYS A 202 6.52 11.41 11.47
CA LYS A 202 6.86 12.74 11.91
C LYS A 202 6.60 12.91 13.39
N LEU A 203 5.49 12.36 13.91
CA LEU A 203 5.18 12.44 15.34
C LEU A 203 6.16 11.67 16.20
N ILE A 204 6.50 10.44 15.78
CA ILE A 204 7.51 9.63 16.44
C ILE A 204 8.81 10.41 16.49
N ALA A 205 9.23 10.99 15.34
CA ALA A 205 10.48 11.78 15.30
C ALA A 205 10.42 12.92 16.31
N GLN A 206 9.26 13.58 16.43
CA GLN A 206 9.11 14.67 17.34
C GLN A 206 9.08 14.24 18.85
N LYS A 207 8.33 13.18 19.12
CA LYS A 207 7.98 12.76 20.47
C LYS A 207 8.78 11.67 21.09
N VAL A 208 9.31 10.70 20.33
CA VAL A 208 10.07 9.60 20.96
C VAL A 208 11.52 10.03 21.18
N ARG A 209 11.85 10.33 22.46
CA ARG A 209 13.16 10.81 22.89
CA ARG A 209 13.17 10.81 22.89
C ARG A 209 14.23 9.74 22.62
N GLY A 210 15.32 10.12 21.96
CA GLY A 210 16.39 9.19 21.63
C GLY A 210 16.36 8.59 20.24
N VAL A 211 15.30 8.79 19.48
CA VAL A 211 15.26 8.27 18.10
C VAL A 211 16.07 9.23 17.23
N ASP A 212 17.11 8.71 16.58
CA ASP A 212 17.93 9.56 15.70
C ASP A 212 17.36 9.70 14.31
N VAL A 213 16.76 8.62 13.79
CA VAL A 213 16.24 8.56 12.43
C VAL A 213 14.95 7.80 12.43
N VAL A 214 14.01 8.20 11.54
CA VAL A 214 12.76 7.49 11.31
C VAL A 214 12.71 7.04 9.84
N VAL A 215 12.49 5.74 9.62
CA VAL A 215 12.40 5.15 8.29
C VAL A 215 11.01 4.56 8.27
N GLY A 216 10.14 5.13 7.45
CA GLY A 216 8.75 4.73 7.38
C GLY A 216 8.22 4.14 6.09
N GLY A 217 6.93 3.90 6.13
CA GLY A 217 6.17 3.38 5.00
C GLY A 217 4.71 3.70 5.18
N HIS A 218 3.87 2.89 4.53
CA HIS A 218 2.43 2.87 4.63
C HIS A 218 1.69 3.96 3.80
N SER A 219 2.19 5.21 3.74
CA SER A 219 1.58 6.28 2.97
C SER A 219 2.15 6.46 1.54
N ASN A 220 3.06 5.56 1.13
CA ASN A 220 3.72 5.58 -0.19
C ASN A 220 4.33 6.96 -0.47
N THR A 221 4.91 7.59 0.55
CA THR A 221 5.43 8.94 0.46
C THR A 221 6.70 9.00 -0.33
N PHE A 222 6.71 9.90 -1.30
CA PHE A 222 7.86 10.17 -2.11
C PHE A 222 8.42 11.51 -1.66
N LEU A 223 9.67 11.50 -1.20
CA LEU A 223 10.40 12.70 -0.79
C LEU A 223 11.63 12.78 -1.68
N TYR A 224 12.07 13.98 -1.96
CA TYR A 224 13.19 14.21 -2.86
C TYR A 224 13.78 15.58 -2.67
N THR A 225 15.10 15.71 -2.86
CA THR A 225 15.82 16.97 -2.83
C THR A 225 16.36 17.23 -4.24
N GLY A 226 15.84 18.26 -4.90
CA GLY A 226 16.24 18.63 -6.24
C GLY A 226 15.19 18.26 -7.25
N ASN A 227 15.59 18.12 -8.53
CA ASN A 227 14.67 17.77 -9.61
C ASN A 227 14.39 16.25 -9.62
N PRO A 228 13.13 15.82 -9.46
CA PRO A 228 12.84 14.38 -9.42
C PRO A 228 13.08 13.62 -10.74
N PRO A 229 13.48 12.35 -10.63
CA PRO A 229 13.83 11.57 -11.84
C PRO A 229 12.70 10.95 -12.66
N SER A 230 11.49 10.77 -12.09
CA SER A 230 10.35 10.14 -12.78
C SER A 230 9.05 10.93 -12.53
N LYS A 231 7.87 10.27 -12.68
CA LYS A 231 6.55 10.93 -12.59
C LYS A 231 6.08 11.25 -11.17
N GLU A 232 6.71 10.65 -10.13
CA GLU A 232 6.28 10.86 -8.74
C GLU A 232 6.68 12.26 -8.33
N VAL A 233 5.71 13.03 -7.78
CA VAL A 233 5.91 14.39 -7.34
C VAL A 233 6.24 14.40 -5.84
N PRO A 234 7.36 15.02 -5.45
CA PRO A 234 7.74 15.01 -4.04
C PRO A 234 6.77 15.72 -3.07
N ALA A 235 6.54 15.08 -1.91
CA ALA A 235 5.71 15.60 -0.83
C ALA A 235 6.55 16.47 0.09
N GLY A 236 7.87 16.42 -0.09
CA GLY A 236 8.79 17.24 0.69
C GLY A 236 10.21 16.90 0.30
N LYS A 237 11.17 17.49 1.02
CA LYS A 237 12.59 17.25 0.78
C LYS A 237 12.97 15.91 1.37
N TYR A 238 14.04 15.31 0.83
CA TYR A 238 14.57 14.05 1.36
C TYR A 238 15.94 14.38 1.98
N PRO A 239 16.16 14.11 3.28
CA PRO A 239 15.21 13.62 4.28
C PRO A 239 14.29 14.75 4.70
N PHE A 240 13.17 14.42 5.33
CA PHE A 240 12.28 15.44 5.82
C PHE A 240 12.78 15.70 7.23
N ILE A 241 13.04 16.95 7.59
CA ILE A 241 13.55 17.23 8.92
C ILE A 241 12.45 17.61 9.89
N VAL A 242 12.44 16.95 11.04
CA VAL A 242 11.57 17.23 12.16
C VAL A 242 12.47 17.71 13.28
N THR A 243 12.08 18.79 13.95
CA THR A 243 12.78 19.25 15.12
C THR A 243 12.01 18.62 16.27
N SER A 244 12.69 17.76 17.04
CA SER A 244 12.07 17.10 18.17
C SER A 244 11.78 18.05 19.30
N ASP A 245 10.92 17.63 20.20
CA ASP A 245 10.57 18.41 21.38
C ASP A 245 11.79 18.75 22.27
N ASP A 246 12.79 17.86 22.31
CA ASP A 246 14.05 18.11 23.04
C ASP A 246 15.12 18.88 22.17
N GLY A 247 14.72 19.36 20.99
CA GLY A 247 15.51 20.21 20.12
C GLY A 247 16.44 19.61 19.09
N ARG A 248 16.34 18.31 18.83
CA ARG A 248 17.22 17.65 17.85
C ARG A 248 16.58 17.65 16.49
N LYS A 249 17.41 17.78 15.41
CA LYS A 249 16.94 17.71 14.04
C LYS A 249 16.94 16.23 13.69
N VAL A 250 15.75 15.66 13.48
CA VAL A 250 15.53 14.25 13.20
C VAL A 250 15.12 14.03 11.71
N PRO A 251 15.98 13.38 10.89
CA PRO A 251 15.57 13.04 9.51
C PRO A 251 14.49 11.96 9.48
N VAL A 252 13.48 12.15 8.61
CA VAL A 252 12.37 11.23 8.38
C VAL A 252 12.41 10.86 6.88
N VAL A 253 12.48 9.56 6.57
CA VAL A 253 12.57 9.08 5.19
C VAL A 253 11.48 8.05 4.87
N GLN A 254 11.13 8.01 3.59
CA GLN A 254 10.19 7.07 3.00
C GLN A 254 10.60 6.97 1.54
N ALA A 255 10.27 5.86 0.87
CA ALA A 255 10.75 5.66 -0.52
C ALA A 255 9.66 5.17 -1.49
N TYR A 256 8.56 5.95 -1.55
CA TYR A 256 7.43 5.73 -2.42
C TYR A 256 6.89 4.32 -2.20
N ALA A 257 6.88 3.46 -3.23
CA ALA A 257 6.35 2.10 -3.16
C ALA A 257 6.80 1.28 -4.36
N PHE A 258 6.45 -0.01 -4.31
CA PHE A 258 6.58 -0.98 -5.39
C PHE A 258 7.98 -1.34 -5.79
N GLY A 259 8.97 -1.00 -5.00
CA GLY A 259 10.38 -1.27 -5.28
C GLY A 259 10.88 -0.46 -6.46
N LYS A 260 10.23 0.68 -6.75
CA LYS A 260 10.62 1.53 -7.89
C LYS A 260 11.93 2.30 -7.55
N TYR A 261 12.06 2.72 -6.27
CA TYR A 261 13.20 3.46 -5.74
C TYR A 261 13.83 2.72 -4.59
N LEU A 262 15.12 2.97 -4.37
CA LEU A 262 15.84 2.48 -3.22
C LEU A 262 16.13 3.72 -2.41
N GLY A 263 15.63 3.76 -1.18
CA GLY A 263 15.89 4.86 -0.28
C GLY A 263 17.36 4.90 0.05
N TYR A 264 17.93 6.08 0.18
CA TYR A 264 19.37 6.20 0.40
C TYR A 264 19.65 7.42 1.25
N LEU A 265 20.03 7.19 2.53
CA LEU A 265 20.35 8.27 3.46
C LEU A 265 21.71 8.01 4.11
N LYS A 266 22.63 8.99 3.99
CA LYS A 266 23.93 8.95 4.65
C LYS A 266 23.78 9.80 5.93
N ILE A 267 24.16 9.24 7.11
CA ILE A 267 24.08 9.94 8.39
C ILE A 267 25.46 10.06 8.94
N GLU A 268 25.83 11.26 9.32
CA GLU A 268 27.13 11.53 9.93
C GLU A 268 26.86 11.63 11.44
N PHE A 269 27.34 10.62 12.18
CA PHE A 269 27.18 10.58 13.63
CA PHE A 269 27.18 10.58 13.63
C PHE A 269 28.48 10.98 14.31
N ASP A 270 28.39 11.59 15.49
CA ASP A 270 29.57 11.86 16.30
C ASP A 270 29.74 10.62 17.21
N GLU A 271 30.81 10.62 18.00
CA GLU A 271 31.18 9.49 18.89
C GLU A 271 30.14 9.20 20.00
N ARG A 272 29.20 10.12 20.28
CA ARG A 272 28.12 9.91 21.23
C ARG A 272 26.80 9.56 20.54
N GLY A 273 26.83 9.26 19.25
CA GLY A 273 25.63 8.94 18.50
C GLY A 273 24.74 10.12 18.22
N ASN A 274 25.29 11.36 18.21
CA ASN A 274 24.50 12.52 17.81
C ASN A 274 24.56 12.63 16.31
N VAL A 275 23.45 13.00 15.69
CA VAL A 275 23.43 13.22 14.23
C VAL A 275 23.96 14.61 13.98
N ILE A 276 25.13 14.68 13.34
CA ILE A 276 25.72 15.96 12.98
C ILE A 276 25.05 16.42 11.68
N SER A 277 24.87 15.51 10.74
CA SER A 277 24.22 15.82 9.49
C SER A 277 23.76 14.56 8.81
N SER A 278 22.97 14.74 7.76
CA SER A 278 22.49 13.68 6.90
C SER A 278 22.15 14.22 5.55
N HIS A 279 22.23 13.35 4.56
CA HIS A 279 21.87 13.73 3.21
C HIS A 279 21.65 12.46 2.42
N GLY A 280 20.95 12.60 1.31
CA GLY A 280 20.66 11.49 0.43
C GLY A 280 19.56 11.78 -0.56
N ASN A 281 18.99 10.72 -1.11
CA ASN A 281 17.86 10.79 -2.04
C ASN A 281 17.48 9.40 -2.46
N PRO A 282 16.21 9.16 -2.80
CA PRO A 282 15.83 7.84 -3.32
C PRO A 282 16.44 7.61 -4.70
N ILE A 283 17.01 6.45 -4.90
CA ILE A 283 17.63 6.11 -6.16
C ILE A 283 16.58 5.43 -7.03
N LEU A 284 16.27 6.01 -8.21
CA LEU A 284 15.34 5.43 -9.13
C LEU A 284 15.99 4.17 -9.71
N LEU A 285 15.32 3.00 -9.61
CA LEU A 285 15.86 1.74 -10.09
C LEU A 285 15.37 1.53 -11.51
N ASP A 286 15.93 2.31 -12.45
CA ASP A 286 15.54 2.28 -13.87
C ASP A 286 16.40 1.32 -14.70
N SER A 287 16.12 1.22 -16.01
CA SER A 287 16.81 0.33 -16.96
C SER A 287 18.36 0.43 -16.97
N SER A 288 18.93 1.61 -16.64
CA SER A 288 20.37 1.84 -16.61
C SER A 288 21.10 0.92 -15.60
N ILE A 289 20.44 0.57 -14.47
CA ILE A 289 21.05 -0.34 -13.48
C ILE A 289 20.79 -1.76 -13.95
N PRO A 290 21.79 -2.58 -14.29
CA PRO A 290 21.47 -3.94 -14.76
C PRO A 290 20.90 -4.84 -13.68
N GLU A 291 20.06 -5.81 -14.09
CA GLU A 291 19.49 -6.80 -13.16
C GLU A 291 20.62 -7.78 -12.86
N ASP A 292 20.80 -8.13 -11.58
CA ASP A 292 21.83 -9.08 -11.22
C ASP A 292 21.52 -10.43 -11.88
N PRO A 293 22.44 -10.99 -12.69
CA PRO A 293 22.16 -12.28 -13.37
C PRO A 293 21.80 -13.47 -12.47
N SER A 294 22.38 -13.55 -11.27
CA SER A 294 22.09 -14.64 -10.34
C SER A 294 20.68 -14.54 -9.74
N ILE A 295 20.25 -13.32 -9.30
CA ILE A 295 18.91 -13.12 -8.73
C ILE A 295 17.89 -13.30 -9.84
N LYS A 296 18.15 -12.69 -11.02
CA LYS A 296 17.34 -12.78 -12.25
C LYS A 296 17.09 -14.23 -12.62
N ALA A 297 18.18 -15.03 -12.71
CA ALA A 297 18.05 -16.45 -13.05
C ALA A 297 17.17 -17.18 -12.04
N ASP A 298 17.32 -16.86 -10.74
CA ASP A 298 16.52 -17.45 -9.66
C ASP A 298 15.06 -16.96 -9.73
N ILE A 299 14.83 -15.70 -10.14
CA ILE A 299 13.47 -15.16 -10.32
C ILE A 299 12.82 -15.96 -11.45
N ASN A 300 13.56 -16.20 -12.53
CA ASN A 300 13.03 -16.93 -13.68
C ASN A 300 12.65 -18.39 -13.32
N LYS A 301 13.38 -19.02 -12.39
CA LYS A 301 13.06 -20.37 -11.89
C LYS A 301 11.70 -20.34 -11.17
N TRP A 302 11.53 -19.40 -10.24
CA TRP A 302 10.27 -19.24 -9.51
C TRP A 302 9.10 -18.71 -10.42
N ARG A 303 9.42 -18.03 -11.53
CA ARG A 303 8.41 -17.52 -12.47
C ARG A 303 7.68 -18.64 -13.24
N ILE A 304 8.28 -19.84 -13.36
CA ILE A 304 7.63 -20.93 -14.11
C ILE A 304 6.26 -21.32 -13.52
N LYS A 305 6.14 -21.44 -12.19
CA LYS A 305 4.89 -21.79 -11.49
C LYS A 305 3.76 -20.77 -11.76
N LEU A 306 4.13 -19.49 -11.96
CA LEU A 306 3.18 -18.41 -12.17
C LEU A 306 2.74 -18.27 -13.65
N ASP A 307 3.49 -18.83 -14.60
CA ASP A 307 3.14 -18.70 -16.03
C ASP A 307 1.80 -19.34 -16.41
N ASP A 308 1.22 -20.25 -15.61
CA ASP A 308 -0.12 -20.78 -15.95
C ASP A 308 -1.24 -19.72 -15.72
N TYR A 309 -0.96 -18.67 -14.93
CA TYR A 309 -1.87 -17.53 -14.70
C TYR A 309 -1.69 -16.42 -15.79
N SER A 310 -0.77 -16.58 -16.76
CA SER A 310 -0.47 -15.63 -17.83
C SER A 310 -0.79 -16.18 -19.26
N THR A 311 -1.01 -17.49 -19.43
CA THR A 311 -1.24 -18.08 -20.75
C THR A 311 -2.63 -17.75 -21.31
N GLN A 312 -3.68 -17.87 -20.49
CA GLN A 312 -5.03 -17.58 -20.94
C GLN A 312 -5.31 -16.06 -21.01
N GLU A 313 -5.56 -15.58 -22.24
CA GLU A 313 -5.96 -14.20 -22.53
C GLU A 313 -7.47 -14.12 -22.20
N LEU A 314 -7.85 -13.31 -21.20
CA LEU A 314 -9.25 -13.16 -20.79
C LEU A 314 -9.98 -12.30 -21.80
N GLY A 315 -9.34 -11.20 -22.17
CA GLY A 315 -9.89 -10.29 -23.18
C GLY A 315 -8.84 -9.35 -23.70
N LYS A 316 -9.27 -8.17 -24.14
CA LYS A 316 -8.37 -7.18 -24.72
C LYS A 316 -8.85 -5.77 -24.40
N THR A 317 -7.92 -4.85 -24.14
CA THR A 317 -8.25 -3.46 -23.91
C THR A 317 -7.57 -2.63 -24.98
N ILE A 318 -8.27 -1.64 -25.51
CA ILE A 318 -7.74 -0.71 -26.51
C ILE A 318 -7.48 0.64 -25.85
N VAL A 319 -7.66 0.71 -24.54
CA VAL A 319 -7.44 1.92 -23.75
C VAL A 319 -6.55 1.56 -22.58
N TYR A 320 -5.76 2.55 -22.09
CA TYR A 320 -4.93 2.37 -20.90
C TYR A 320 -5.94 2.32 -19.76
N LEU A 321 -5.87 1.27 -18.94
CA LEU A 321 -6.78 1.09 -17.82
C LEU A 321 -6.11 1.71 -16.59
N ASP A 322 -6.41 2.98 -16.38
CA ASP A 322 -5.82 3.76 -15.32
C ASP A 322 -6.32 3.36 -13.90
N GLY A 323 -5.49 2.55 -13.23
CA GLY A 323 -5.69 2.04 -11.88
C GLY A 323 -4.68 2.66 -10.92
N SER A 324 -4.06 3.77 -11.34
CA SER A 324 -3.09 4.49 -10.52
C SER A 324 -3.81 5.18 -9.37
N SER A 325 -3.10 5.37 -8.27
CA SER A 325 -3.68 6.03 -7.11
C SER A 325 -3.85 7.53 -7.37
N GLN A 326 -2.97 8.08 -8.18
CA GLN A 326 -2.96 9.48 -8.57
C GLN A 326 -4.25 9.88 -9.31
N SER A 327 -4.87 8.91 -9.98
CA SER A 327 -6.13 9.10 -10.62
C SER A 327 -7.27 8.67 -9.73
N CYS A 328 -7.25 7.39 -9.33
CA CYS A 328 -8.36 6.73 -8.64
C CYS A 328 -8.68 7.22 -7.24
N ARG A 329 -7.81 8.02 -6.60
CA ARG A 329 -8.06 8.58 -5.27
C ARG A 329 -8.30 10.05 -5.37
N PHE A 330 -8.41 10.59 -6.61
CA PHE A 330 -8.55 12.02 -6.87
C PHE A 330 -9.63 12.39 -7.87
N ARG A 331 -10.02 11.48 -8.75
CA ARG A 331 -11.01 11.78 -9.75
C ARG A 331 -11.53 10.49 -10.35
N GLU A 332 -12.55 10.61 -11.19
CA GLU A 332 -13.09 9.49 -11.92
C GLU A 332 -11.93 8.84 -12.70
N CYS A 333 -11.71 7.54 -12.51
CA CYS A 333 -10.68 6.81 -13.26
C CYS A 333 -11.44 5.69 -14.01
N ASN A 334 -11.06 5.43 -15.28
CA ASN A 334 -11.70 4.44 -16.13
C ASN A 334 -11.57 3.03 -15.60
N MET A 335 -10.55 2.74 -14.74
CA MET A 335 -10.45 1.41 -14.12
C MET A 335 -11.63 1.26 -13.16
N GLY A 336 -11.93 2.31 -12.41
CA GLY A 336 -13.10 2.33 -11.53
C GLY A 336 -14.43 2.05 -12.23
N ASN A 337 -14.62 2.68 -13.40
CA ASN A 337 -15.83 2.54 -14.20
C ASN A 337 -15.91 1.16 -14.77
N LEU A 338 -14.79 0.63 -15.25
CA LEU A 338 -14.78 -0.75 -15.73
C LEU A 338 -15.22 -1.69 -14.62
N ILE A 339 -14.58 -1.57 -13.44
CA ILE A 339 -14.89 -2.46 -12.31
C ILE A 339 -16.33 -2.30 -11.86
N CYS A 340 -16.82 -1.06 -11.76
CA CYS A 340 -18.23 -0.89 -11.41
C CYS A 340 -19.17 -1.41 -12.50
N ASP A 341 -18.82 -1.24 -13.79
CA ASP A 341 -19.63 -1.81 -14.90
C ASP A 341 -19.68 -3.33 -14.88
N ALA A 342 -18.60 -3.98 -14.47
CA ALA A 342 -18.58 -5.45 -14.34
C ALA A 342 -19.43 -5.87 -13.14
N MET A 343 -19.34 -5.11 -12.03
CA MET A 343 -20.10 -5.40 -10.81
C MET A 343 -21.60 -5.40 -11.14
N ILE A 344 -22.06 -4.33 -11.79
CA ILE A 344 -23.45 -4.16 -12.17
C ILE A 344 -23.91 -5.22 -13.20
N ASN A 345 -23.10 -5.46 -14.24
CA ASN A 345 -23.42 -6.45 -15.27
C ASN A 345 -23.55 -7.85 -14.69
N ASN A 346 -22.71 -8.18 -13.68
CA ASN A 346 -22.76 -9.49 -13.04
C ASN A 346 -24.05 -9.66 -12.24
N ASN A 347 -24.40 -8.67 -11.41
CA ASN A 347 -25.61 -8.73 -10.57
C ASN A 347 -26.93 -8.98 -11.35
N LEU A 348 -27.00 -8.61 -12.65
CA LEU A 348 -28.20 -8.80 -13.46
C LEU A 348 -28.27 -10.22 -14.03
N ARG A 349 -27.16 -10.71 -14.64
CA ARG A 349 -27.00 -12.04 -15.24
C ARG A 349 -28.31 -12.74 -15.66
N ASN A 357 -32.72 -10.05 -12.01
CA ASN A 357 -33.09 -8.91 -11.16
C ASN A 357 -32.24 -7.67 -11.53
N HIS A 358 -32.55 -6.47 -10.97
CA HIS A 358 -31.78 -5.25 -11.23
C HIS A 358 -31.65 -4.33 -10.01
N VAL A 359 -30.40 -3.79 -9.82
CA VAL A 359 -29.98 -2.91 -8.70
C VAL A 359 -29.52 -1.52 -9.17
N SER A 360 -28.77 -1.46 -10.30
CA SER A 360 -28.34 -0.23 -10.99
C SER A 360 -27.16 0.58 -10.41
N MET A 361 -26.99 0.70 -9.07
CA MET A 361 -25.90 1.53 -8.53
C MET A 361 -24.69 0.74 -7.97
N CYS A 362 -23.51 1.38 -8.07
CA CYS A 362 -22.23 0.81 -7.65
C CYS A 362 -21.37 1.88 -7.01
N ILE A 363 -20.73 1.56 -5.86
CA ILE A 363 -19.70 2.38 -5.24
C ILE A 363 -18.51 1.45 -4.96
N LEU A 364 -17.29 1.97 -5.16
CA LEU A 364 -16.06 1.22 -5.03
C LEU A 364 -14.95 2.11 -4.48
N ASN A 365 -14.29 1.73 -3.38
CA ASN A 365 -13.18 2.52 -2.82
C ASN A 365 -12.01 2.55 -3.82
N GLY A 366 -11.58 3.75 -4.20
CA GLY A 366 -10.41 3.97 -5.06
C GLY A 366 -9.13 3.25 -4.61
N GLY A 367 -8.92 3.11 -3.30
CA GLY A 367 -7.77 2.41 -2.77
C GLY A 367 -7.73 0.91 -3.03
N GLY A 368 -8.90 0.31 -3.28
CA GLY A 368 -9.02 -1.10 -3.62
C GLY A 368 -8.53 -1.44 -5.02
N ILE A 369 -8.31 -0.43 -5.87
CA ILE A 369 -7.80 -0.53 -7.24
C ILE A 369 -6.32 -0.44 -7.03
N ARG A 370 -5.63 -1.58 -7.02
CA ARG A 370 -4.23 -1.62 -6.60
C ARG A 370 -3.21 -1.52 -7.72
N SER A 371 -3.67 -1.41 -8.97
CA SER A 371 -2.74 -1.28 -10.09
C SER A 371 -3.44 -0.89 -11.39
N PRO A 372 -2.73 -0.20 -12.31
CA PRO A 372 -3.25 -0.04 -13.67
C PRO A 372 -2.99 -1.31 -14.50
N ILE A 373 -3.48 -1.29 -15.74
CA ILE A 373 -3.20 -2.31 -16.75
C ILE A 373 -2.86 -1.52 -18.03
N ASP A 374 -1.83 -1.98 -18.73
CA ASP A 374 -1.34 -1.37 -19.96
C ASP A 374 -1.97 -2.01 -21.21
N GLU A 375 -2.26 -1.17 -22.22
CA GLU A 375 -2.86 -1.55 -23.51
C GLU A 375 -1.86 -1.78 -24.64
N ARG A 376 -0.60 -1.36 -24.50
CA ARG A 376 0.39 -1.48 -25.58
C ARG A 376 0.81 -2.93 -25.94
N ASN A 377 0.67 -3.92 -25.01
CA ASN A 377 1.02 -5.34 -25.23
CA ASN A 377 1.01 -5.34 -25.22
C ASN A 377 0.02 -6.04 -26.20
N ASP A 378 -0.43 -5.35 -27.27
CA ASP A 378 -1.46 -5.84 -28.18
C ASP A 378 -2.79 -5.91 -27.36
N GLY A 379 -2.88 -5.07 -26.32
CA GLY A 379 -4.02 -4.96 -25.42
C GLY A 379 -4.39 -6.14 -24.53
N THR A 380 -3.55 -7.16 -24.42
CA THR A 380 -3.91 -8.38 -23.66
C THR A 380 -4.13 -8.19 -22.17
N ILE A 381 -5.16 -8.90 -21.65
CA ILE A 381 -5.57 -8.95 -20.25
C ILE A 381 -5.56 -10.39 -19.82
N THR A 382 -4.81 -10.68 -18.76
CA THR A 382 -4.63 -12.00 -18.18
C THR A 382 -5.11 -11.99 -16.72
N TRP A 383 -5.20 -13.19 -16.14
CA TRP A 383 -5.55 -13.30 -14.72
C TRP A 383 -4.49 -12.58 -13.88
N GLU A 384 -3.21 -12.65 -14.31
CA GLU A 384 -2.10 -11.99 -13.66
C GLU A 384 -2.33 -10.47 -13.62
N ASN A 385 -2.60 -9.86 -14.80
CA ASN A 385 -2.92 -8.42 -14.95
C ASN A 385 -4.02 -8.03 -13.98
N LEU A 386 -5.11 -8.82 -13.93
CA LEU A 386 -6.25 -8.55 -13.05
C LEU A 386 -5.94 -8.78 -11.56
N ALA A 387 -5.16 -9.82 -11.22
CA ALA A 387 -4.74 -10.12 -9.83
C ALA A 387 -3.94 -8.97 -9.17
N ALA A 388 -3.26 -8.13 -9.96
CA ALA A 388 -2.54 -7.01 -9.40
C ALA A 388 -3.50 -5.82 -9.14
N VAL A 389 -4.59 -5.73 -9.91
CA VAL A 389 -5.61 -4.68 -9.74
C VAL A 389 -6.46 -5.03 -8.52
N LEU A 390 -6.85 -6.31 -8.41
CA LEU A 390 -7.73 -6.80 -7.34
C LEU A 390 -7.06 -7.99 -6.66
N PRO A 391 -6.15 -7.70 -5.73
CA PRO A 391 -5.41 -8.78 -5.06
C PRO A 391 -5.98 -9.37 -3.76
N PHE A 392 -6.96 -8.69 -3.11
CA PHE A 392 -7.43 -9.04 -1.78
C PHE A 392 -8.41 -10.19 -1.64
N GLY A 393 -8.87 -10.76 -2.76
CA GLY A 393 -9.79 -11.88 -2.71
C GLY A 393 -11.11 -11.54 -2.03
N GLY A 394 -11.60 -10.33 -2.28
CA GLY A 394 -12.87 -9.87 -1.74
C GLY A 394 -14.03 -10.29 -2.62
N THR A 395 -15.23 -9.87 -2.23
CA THR A 395 -16.47 -10.17 -2.96
C THR A 395 -17.20 -8.87 -3.24
N PHE A 396 -18.02 -8.84 -4.29
CA PHE A 396 -18.83 -7.68 -4.64
C PHE A 396 -20.25 -8.00 -4.17
N ASP A 397 -20.63 -7.42 -3.02
CA ASP A 397 -21.87 -7.67 -2.32
C ASP A 397 -23.01 -6.70 -2.63
N LEU A 398 -24.25 -7.20 -2.50
CA LEU A 398 -25.45 -6.41 -2.68
C LEU A 398 -25.81 -5.83 -1.32
N VAL A 399 -26.22 -4.56 -1.28
CA VAL A 399 -26.60 -3.86 -0.06
C VAL A 399 -27.83 -2.94 -0.33
N GLN A 400 -28.67 -2.73 0.68
CA GLN A 400 -29.81 -1.85 0.59
C GLN A 400 -29.52 -0.71 1.55
N LEU A 401 -29.51 0.54 1.03
CA LEU A 401 -29.15 1.72 1.81
C LEU A 401 -30.15 2.83 1.65
N LYS A 402 -30.30 3.61 2.71
CA LYS A 402 -31.15 4.80 2.70
C LYS A 402 -30.38 5.86 1.94
N GLY A 403 -31.07 6.78 1.27
CA GLY A 403 -30.39 7.85 0.54
C GLY A 403 -29.49 8.69 1.42
N SER A 404 -29.92 8.95 2.66
CA SER A 404 -29.17 9.69 3.70
C SER A 404 -27.83 9.02 3.99
N THR A 405 -27.84 7.66 4.04
CA THR A 405 -26.64 6.84 4.23
C THR A 405 -25.71 7.10 3.04
N LEU A 406 -26.24 7.00 1.81
CA LEU A 406 -25.43 7.24 0.62
C LEU A 406 -24.89 8.66 0.55
N LYS A 407 -25.68 9.67 0.96
CA LYS A 407 -25.23 11.06 0.96
C LYS A 407 -24.00 11.15 1.91
N LYS A 408 -24.11 10.54 3.12
CA LYS A 408 -23.03 10.50 4.10
C LYS A 408 -21.78 9.81 3.59
N ALA A 409 -21.95 8.73 2.80
CA ALA A 409 -20.80 8.04 2.20
C ALA A 409 -20.12 8.95 1.18
N PHE A 410 -20.89 9.68 0.34
CA PHE A 410 -20.26 10.59 -0.64
C PHE A 410 -19.58 11.79 0.05
N GLU A 411 -20.08 12.18 1.23
CA GLU A 411 -19.45 13.23 2.02
C GLU A 411 -18.16 12.69 2.59
N HIS A 412 -18.18 11.40 3.01
CA HIS A 412 -17.00 10.70 3.49
C HIS A 412 -15.93 10.54 2.41
N SER A 413 -16.34 10.23 1.16
CA SER A 413 -15.46 10.08 0.00
C SER A 413 -14.47 11.24 -0.14
N VAL A 414 -14.90 12.48 0.17
CA VAL A 414 -14.07 13.67 0.03
C VAL A 414 -13.90 14.47 1.34
N HIS A 415 -14.12 13.87 2.51
CA HIS A 415 -14.01 14.60 3.79
C HIS A 415 -12.60 15.15 4.05
N ARG A 416 -11.56 14.46 3.57
CA ARG A 416 -10.16 14.90 3.75
C ARG A 416 -9.47 14.79 2.43
N TYR A 417 -10.15 15.29 1.40
CA TYR A 417 -9.64 15.22 0.05
C TYR A 417 -8.24 15.87 -0.10
N GLY A 418 -7.44 15.32 -1.00
CA GLY A 418 -6.12 15.86 -1.31
C GLY A 418 -4.95 15.13 -0.68
N GLN A 419 -5.23 14.06 0.11
CA GLN A 419 -4.20 13.29 0.82
C GLN A 419 -3.93 11.89 0.22
N SER A 420 -4.47 11.57 -0.96
CA SER A 420 -4.30 10.24 -1.61
C SER A 420 -4.82 9.10 -0.70
N THR A 421 -6.00 9.30 -0.11
CA THR A 421 -6.60 8.31 0.77
C THR A 421 -7.56 7.46 -0.09
N GLY A 422 -7.62 6.18 0.23
CA GLY A 422 -8.36 5.22 -0.54
C GLY A 422 -9.87 5.26 -0.49
N GLU A 423 -10.46 6.06 0.41
CA GLU A 423 -11.89 6.15 0.53
C GLU A 423 -12.59 6.89 -0.64
N PHE A 424 -11.87 7.55 -1.56
CA PHE A 424 -12.49 8.26 -2.66
C PHE A 424 -13.24 7.20 -3.48
N LEU A 425 -14.54 7.40 -3.66
CA LEU A 425 -15.35 6.38 -4.35
C LEU A 425 -15.40 6.48 -5.87
N GLN A 426 -15.17 5.35 -6.54
CA GLN A 426 -15.46 5.18 -7.93
C GLN A 426 -16.92 4.69 -7.98
N VAL A 427 -17.65 5.09 -9.01
CA VAL A 427 -19.07 4.83 -9.12
C VAL A 427 -19.54 4.23 -10.46
N GLY A 428 -20.74 3.73 -10.40
CA GLY A 428 -21.50 3.23 -11.53
C GLY A 428 -22.95 3.54 -11.25
N GLY A 429 -23.64 4.10 -12.21
CA GLY A 429 -25.06 4.43 -12.04
C GLY A 429 -25.33 5.58 -11.09
N ILE A 430 -24.32 6.41 -10.88
CA ILE A 430 -24.36 7.56 -9.99
C ILE A 430 -23.64 8.68 -10.73
N HIS A 431 -24.19 9.90 -10.64
CA HIS A 431 -23.58 11.13 -11.15
C HIS A 431 -23.47 12.00 -9.92
N VAL A 432 -22.27 12.20 -9.42
CA VAL A 432 -21.98 12.99 -8.23
C VAL A 432 -21.16 14.22 -8.63
N VAL A 433 -21.48 15.39 -8.04
CA VAL A 433 -20.74 16.64 -8.21
C VAL A 433 -20.31 17.11 -6.82
N TYR A 434 -19.00 17.36 -6.64
CA TYR A 434 -18.41 17.84 -5.39
C TYR A 434 -17.95 19.29 -5.53
N ASP A 435 -18.05 20.08 -4.47
CA ASP A 435 -17.53 21.45 -4.45
C ASP A 435 -16.57 21.48 -3.26
N LEU A 436 -15.25 21.41 -3.53
CA LEU A 436 -14.24 21.32 -2.47
C LEU A 436 -14.01 22.62 -1.69
N SER A 437 -14.49 23.76 -2.19
CA SER A 437 -14.44 25.02 -1.47
C SER A 437 -15.36 24.97 -0.22
N ARG A 438 -16.36 24.07 -0.23
CA ARG A 438 -17.27 23.89 0.88
C ARG A 438 -16.60 23.14 2.05
N LYS A 439 -17.24 23.21 3.22
CA LYS A 439 -16.69 22.60 4.43
C LYS A 439 -16.83 21.09 4.39
N PRO A 440 -15.87 20.34 4.99
CA PRO A 440 -16.01 18.86 5.03
C PRO A 440 -17.34 18.44 5.67
N GLY A 441 -18.00 17.48 5.04
CA GLY A 441 -19.32 17.02 5.43
C GLY A 441 -20.44 17.74 4.69
N ASP A 442 -20.08 18.68 3.79
CA ASP A 442 -21.05 19.46 3.02
C ASP A 442 -20.53 19.79 1.59
N ARG A 443 -19.74 18.90 1.00
CA ARG A 443 -19.16 19.12 -0.33
C ARG A 443 -19.97 18.51 -1.49
N VAL A 444 -20.98 17.65 -1.21
CA VAL A 444 -21.79 17.05 -2.28
C VAL A 444 -22.83 18.08 -2.72
N VAL A 445 -22.62 18.68 -3.91
CA VAL A 445 -23.54 19.72 -4.44
C VAL A 445 -24.63 19.13 -5.39
N LYS A 446 -24.38 17.94 -5.94
CA LYS A 446 -25.32 17.20 -6.78
C LYS A 446 -25.05 15.70 -6.60
N LEU A 447 -26.11 14.91 -6.57
CA LEU A 447 -25.98 13.46 -6.50
C LEU A 447 -27.21 12.87 -7.15
N ASP A 448 -27.06 12.46 -8.41
CA ASP A 448 -28.17 11.88 -9.15
C ASP A 448 -27.95 10.40 -9.26
N VAL A 449 -29.04 9.63 -9.24
CA VAL A 449 -28.94 8.18 -9.29
C VAL A 449 -29.91 7.65 -10.31
N LEU A 450 -29.57 6.51 -10.86
CA LEU A 450 -30.29 5.83 -11.92
C LEU A 450 -31.50 5.17 -11.28
N CYS A 451 -32.68 5.54 -11.74
CA CYS A 451 -33.94 5.00 -11.18
C CYS A 451 -34.08 3.49 -11.42
N THR A 452 -34.78 2.83 -10.49
CA THR A 452 -35.08 1.39 -10.57
C THR A 452 -36.59 1.22 -10.77
N LYS A 453 -37.43 1.96 -10.01
CA LYS A 453 -38.90 1.95 -10.13
C LYS A 453 -39.33 2.84 -11.34
N CYS A 454 -38.96 2.40 -12.54
CA CYS A 454 -39.17 3.12 -13.80
C CYS A 454 -38.88 2.13 -14.93
N ARG A 455 -39.57 2.26 -16.06
CA ARG A 455 -39.35 1.33 -17.17
C ARG A 455 -38.15 1.71 -18.01
N VAL A 456 -37.91 3.01 -18.20
CA VAL A 456 -36.72 3.53 -18.89
C VAL A 456 -35.84 4.12 -17.81
N PRO A 457 -34.67 3.54 -17.55
CA PRO A 457 -33.78 4.12 -16.53
C PRO A 457 -33.22 5.48 -16.90
N SER A 458 -33.24 6.39 -15.94
CA SER A 458 -32.74 7.74 -16.09
C SER A 458 -32.27 8.25 -14.74
N TYR A 459 -31.52 9.33 -14.76
CA TYR A 459 -30.91 9.90 -13.57
C TYR A 459 -31.83 10.91 -12.93
N ASP A 460 -32.10 10.72 -11.65
CA ASP A 460 -32.93 11.63 -10.87
C ASP A 460 -32.17 11.94 -9.56
N PRO A 461 -32.40 13.12 -8.91
CA PRO A 461 -31.69 13.40 -7.66
C PRO A 461 -31.94 12.34 -6.60
N LEU A 462 -30.94 12.07 -5.78
CA LEU A 462 -31.10 11.10 -4.70
C LEU A 462 -32.04 11.71 -3.64
N LYS A 463 -32.88 10.90 -3.03
CA LYS A 463 -33.81 11.34 -1.99
C LYS A 463 -33.33 10.71 -0.72
N MET A 464 -33.29 11.48 0.35
CA MET A 464 -32.77 11.04 1.65
C MET A 464 -33.66 9.95 2.26
N ASP A 465 -34.98 10.12 2.16
CA ASP A 465 -35.99 9.19 2.68
C ASP A 465 -36.19 7.92 1.84
N GLU A 466 -35.60 7.82 0.64
CA GLU A 466 -35.75 6.65 -0.23
C GLU A 466 -34.68 5.59 0.08
N VAL A 467 -34.88 4.38 -0.46
CA VAL A 467 -34.00 3.23 -0.29
C VAL A 467 -33.46 2.83 -1.63
N TYR A 468 -32.17 2.47 -1.67
CA TYR A 468 -31.47 2.08 -2.89
C TYR A 468 -30.71 0.79 -2.70
N LYS A 469 -30.61 0.00 -3.77
CA LYS A 469 -29.84 -1.24 -3.83
C LYS A 469 -28.48 -0.86 -4.45
N VAL A 470 -27.38 -1.20 -3.78
CA VAL A 470 -26.03 -0.84 -4.23
C VAL A 470 -25.11 -2.02 -4.19
N ILE A 471 -24.38 -2.26 -5.29
CA ILE A 471 -23.35 -3.28 -5.32
C ILE A 471 -22.04 -2.60 -4.95
N LEU A 472 -21.33 -3.21 -4.01
CA LEU A 472 -20.09 -2.66 -3.50
C LEU A 472 -19.18 -3.76 -2.94
N PRO A 473 -17.88 -3.47 -2.72
CA PRO A 473 -17.01 -4.48 -2.13
C PRO A 473 -17.42 -4.80 -0.70
N ASN A 474 -17.25 -6.05 -0.25
CA ASN A 474 -17.51 -6.40 1.14
C ASN A 474 -16.67 -5.52 2.13
N PHE A 475 -15.44 -5.08 1.71
CA PHE A 475 -14.59 -4.17 2.47
C PHE A 475 -15.38 -2.93 2.88
N LEU A 476 -16.20 -2.38 1.96
CA LEU A 476 -17.05 -1.22 2.25
C LEU A 476 -18.30 -1.59 3.06
N ALA A 477 -18.94 -2.73 2.77
CA ALA A 477 -20.12 -3.19 3.51
C ALA A 477 -19.79 -3.44 4.99
N ASN A 478 -18.54 -3.85 5.30
CA ASN A 478 -18.05 -4.08 6.68
C ASN A 478 -17.54 -2.77 7.38
N GLY A 479 -17.71 -1.60 6.75
CA GLY A 479 -17.28 -0.32 7.31
C GLY A 479 -15.81 0.04 7.13
N GLY A 480 -15.16 -0.56 6.13
CA GLY A 480 -13.75 -0.30 5.85
C GLY A 480 -13.57 1.10 5.30
N ASP A 481 -12.36 1.64 5.39
CA ASP A 481 -12.04 3.02 4.98
C ASP A 481 -12.89 4.06 5.68
N GLY A 482 -13.24 3.80 6.94
CA GLY A 482 -14.07 4.69 7.75
C GLY A 482 -15.53 4.86 7.32
N PHE A 483 -16.07 3.94 6.49
CA PHE A 483 -17.47 4.02 6.05
C PHE A 483 -18.35 3.30 7.08
N GLN A 484 -18.26 3.75 8.34
CA GLN A 484 -19.02 3.19 9.45
C GLN A 484 -20.52 3.28 9.18
N MET A 485 -20.95 4.40 8.57
CA MET A 485 -22.34 4.63 8.24
C MET A 485 -22.95 3.52 7.34
N ILE A 486 -22.16 2.94 6.41
CA ILE A 486 -22.67 1.85 5.56
C ILE A 486 -22.99 0.63 6.46
N LYS A 487 -21.97 0.12 7.18
CA LYS A 487 -22.15 -1.04 8.09
C LYS A 487 -23.24 -0.83 9.17
N ASP A 488 -23.27 0.36 9.79
CA ASP A 488 -24.23 0.70 10.82
C ASP A 488 -25.66 0.87 10.28
N GLU A 489 -25.81 1.67 9.22
CA GLU A 489 -27.13 2.02 8.71
C GLU A 489 -27.72 1.14 7.62
N LEU A 490 -26.96 0.21 7.00
CA LEU A 490 -27.53 -0.61 5.91
C LEU A 490 -28.76 -1.43 6.38
N LEU A 491 -29.71 -1.65 5.46
CA LEU A 491 -30.96 -2.36 5.72
C LEU A 491 -30.91 -3.84 5.32
N ARG A 492 -30.04 -4.20 4.38
CA ARG A 492 -29.89 -5.58 3.91
C ARG A 492 -28.48 -5.72 3.33
N HIS A 493 -27.82 -6.87 3.60
CA HIS A 493 -26.51 -7.18 3.06
C HIS A 493 -26.50 -8.62 2.59
N ASP A 494 -26.18 -8.85 1.32
CA ASP A 494 -26.07 -10.19 0.76
C ASP A 494 -24.64 -10.42 0.27
N SER A 495 -24.02 -11.56 0.67
CA SER A 495 -22.67 -11.89 0.21
C SER A 495 -22.73 -12.15 -1.30
N GLY A 496 -21.72 -11.69 -2.03
CA GLY A 496 -21.68 -11.80 -3.49
C GLY A 496 -20.56 -12.67 -4.03
N ASP A 497 -20.22 -12.43 -5.30
CA ASP A 497 -19.23 -13.19 -6.06
C ASP A 497 -17.82 -12.61 -5.92
N GLN A 498 -16.82 -13.51 -5.95
CA GLN A 498 -15.40 -13.16 -5.87
C GLN A 498 -15.03 -12.04 -6.87
N ASP A 499 -14.41 -10.97 -6.36
CA ASP A 499 -14.11 -9.76 -7.12
C ASP A 499 -13.39 -9.99 -8.47
N ILE A 500 -12.29 -10.77 -8.48
CA ILE A 500 -11.55 -11.02 -9.71
C ILE A 500 -12.36 -11.86 -10.72
N ASN A 501 -13.13 -12.87 -10.25
CA ASN A 501 -13.94 -13.72 -11.13
C ASN A 501 -15.02 -12.88 -11.79
N VAL A 502 -15.59 -11.88 -11.07
CA VAL A 502 -16.59 -10.96 -11.61
C VAL A 502 -15.99 -10.12 -12.74
N VAL A 503 -14.81 -9.55 -12.54
CA VAL A 503 -14.19 -8.72 -13.57
C VAL A 503 -13.70 -9.57 -14.74
N SER A 504 -13.13 -10.76 -14.47
CA SER A 504 -12.66 -11.69 -15.49
C SER A 504 -13.82 -12.08 -16.41
N THR A 505 -14.98 -12.46 -15.83
CA THR A 505 -16.19 -12.87 -16.52
C THR A 505 -16.67 -11.76 -17.45
N TYR A 506 -16.72 -10.52 -16.96
CA TYR A 506 -17.15 -9.36 -17.74
C TYR A 506 -16.21 -9.11 -18.92
N ILE A 507 -14.89 -9.07 -18.67
CA ILE A 507 -13.92 -8.85 -19.75
C ILE A 507 -14.03 -9.93 -20.84
N SER A 508 -14.27 -11.21 -20.46
CA SER A 508 -14.44 -12.30 -21.43
C SER A 508 -15.72 -12.11 -22.29
N LYS A 509 -16.84 -11.70 -21.66
CA LYS A 509 -18.11 -11.45 -22.37
C LYS A 509 -17.91 -10.29 -23.39
N MET A 510 -17.21 -9.22 -22.99
CA MET A 510 -17.02 -8.05 -23.86
C MET A 510 -16.01 -8.23 -24.98
N LYS A 511 -15.00 -9.12 -24.81
CA LYS A 511 -13.91 -9.38 -25.75
C LYS A 511 -12.94 -8.18 -25.92
N VAL A 512 -13.43 -6.97 -26.26
CA VAL A 512 -12.61 -5.76 -26.38
C VAL A 512 -13.22 -4.69 -25.49
N ILE A 513 -12.45 -4.15 -24.52
CA ILE A 513 -12.94 -3.11 -23.62
C ILE A 513 -12.30 -1.78 -23.92
N TYR A 514 -13.04 -0.72 -23.66
CA TYR A 514 -12.65 0.66 -23.92
C TYR A 514 -13.36 1.58 -22.92
N PRO A 515 -13.24 1.31 -21.59
CA PRO A 515 -13.91 2.16 -20.59
C PRO A 515 -13.34 3.56 -20.63
N ALA A 516 -14.21 4.56 -20.47
CA ALA A 516 -13.81 5.96 -20.57
C ALA A 516 -14.15 6.72 -19.31
N VAL A 517 -13.54 7.91 -19.20
CA VAL A 517 -13.87 8.85 -18.14
C VAL A 517 -15.05 9.65 -18.77
N GLU A 518 -16.22 9.58 -18.14
CA GLU A 518 -17.41 10.14 -18.78
C GLU A 518 -18.31 11.08 -17.95
N GLY A 519 -17.83 11.66 -16.85
CA GLY A 519 -18.64 12.63 -16.09
C GLY A 519 -19.43 12.04 -14.94
N ARG A 520 -19.12 10.81 -14.55
CA ARG A 520 -19.76 10.19 -13.38
C ARG A 520 -19.41 10.96 -12.09
N ILE A 521 -18.17 11.48 -12.01
CA ILE A 521 -17.71 12.25 -10.87
C ILE A 521 -17.17 13.55 -11.43
N LYS A 522 -17.69 14.69 -10.95
CA LYS A 522 -17.25 16.01 -11.37
C LYS A 522 -17.00 16.91 -10.16
N PHE A 523 -16.17 17.93 -10.40
CA PHE A 523 -15.85 18.97 -9.41
C PHE A 523 -16.33 20.31 -9.94
N SER A 524 -16.91 21.14 -9.09
CA SER A 524 -17.40 22.46 -9.48
C SER A 524 -16.68 23.53 -8.69
N LEU A 525 -16.16 24.56 -9.38
CA LEU A 525 -15.51 25.72 -8.76
C LEU A 525 -15.79 27.00 -9.56
N GLU A 526 -17.11 27.31 -9.70
CA GLU A 526 -17.72 28.43 -10.42
C GLU A 526 -17.17 29.79 -10.00
#